data_2FMT
#
_entry.id   2FMT
#
_cell.length_a   201.710
_cell.length_b   68.060
_cell.length_c   86.350
_cell.angle_alpha   90.00
_cell.angle_beta   90.00
_cell.angle_gamma   90.00
#
_symmetry.space_group_name_H-M   'P 21 21 2'
#
loop_
_entity.id
_entity.type
_entity.pdbx_description
1 polymer FORMYL-METHIONYL-TRNAFMET2
2 polymer 'METHIONYL-TRNA FMET FORMYLTRANSFERASE'
3 non-polymer 'MAGNESIUM ION'
4 non-polymer N-FORMYLMETHIONINE
5 water water
#
loop_
_entity_poly.entity_id
_entity_poly.type
_entity_poly.pdbx_seq_one_letter_code
_entity_poly.pdbx_strand_id
1 'polyribonucleotide'
;CGCGGGG(4SU)GGAGCAGCCUGG(H2U)AGCUCGUCGGG(OMC)UCAUAACCCGAAGAUCGUCGG(5MU)(PSU)CAAA
UCCGGCCCCCGCAACCA
;
C,D
2 'polypeptide(L)'
;SESLRIIFAGTPDFAARHLDALLSSGHNVVGVFTQPDRPAGRGKKLMPSPVKVLAEEKGLPVFQPVSLRPQENQQLVAEL
QADVMVVVAYGLILPKAVLEMPRLGCINVHGSLLPRWRGAAPIQRSLWAGDAETGVTIMQMDVGLDTGDMLYKLSCPITA
EDTSGTLYDKLAELGPQGLITTLKQLADGTAKPEVQDETLVTYAEKLSKEEARIDWSLSAAQLERCIRAFNPWPMSWLEI
EGQPVKVWKASVIDTATNAAPGTILEANKQGIQVATGDGILNLLSLQPAGKKAMSAQDLLNSRREWFVPGNRLV
;
A,B
#
# COMPACT_ATOMS: atom_id res chain seq x y z
N SER C 1 -8.30 6.66 28.37
CA SER C 1 -7.64 6.14 27.14
C SER C 1 -7.06 4.74 27.38
N GLU C 2 -7.71 3.71 26.85
CA GLU C 2 -7.21 2.35 27.01
C GLU C 2 -7.33 1.77 25.60
N SER C 3 -6.21 1.32 25.04
CA SER C 3 -6.29 0.75 23.71
C SER C 3 -7.14 -0.49 23.85
N LEU C 4 -8.01 -0.71 22.88
CA LEU C 4 -8.87 -1.86 22.89
C LEU C 4 -8.00 -3.09 22.77
N ARG C 5 -8.14 -4.04 23.68
CA ARG C 5 -7.32 -5.23 23.56
C ARG C 5 -7.89 -5.88 22.30
N ILE C 6 -7.06 -6.08 21.28
CA ILE C 6 -7.54 -6.68 20.04
C ILE C 6 -6.96 -8.06 19.63
N ILE C 7 -7.82 -8.98 19.26
CA ILE C 7 -7.38 -10.28 18.81
C ILE C 7 -7.57 -10.13 17.30
N PHE C 8 -6.54 -10.45 16.52
CA PHE C 8 -6.68 -10.34 15.06
C PHE C 8 -6.72 -11.76 14.49
N ALA C 9 -7.64 -11.99 13.55
CA ALA C 9 -7.79 -13.30 12.92
C ALA C 9 -7.74 -13.20 11.40
N GLY C 10 -6.61 -13.56 10.79
CA GLY C 10 -6.52 -13.48 9.35
C GLY C 10 -5.46 -14.38 8.76
N THR C 11 -5.45 -14.51 7.43
CA THR C 11 -4.46 -15.38 6.81
C THR C 11 -3.61 -14.79 5.68
N PRO C 12 -4.26 -14.36 4.58
CA PRO C 12 -3.57 -13.78 3.42
C PRO C 12 -3.04 -12.38 3.61
N ASP C 13 -2.32 -11.91 2.59
CA ASP C 13 -1.75 -10.57 2.58
C ASP C 13 -2.84 -9.50 2.90
N PHE C 14 -4.03 -9.67 2.35
CA PHE C 14 -5.14 -8.75 2.57
C PHE C 14 -5.37 -8.54 4.08
N ALA C 15 -5.16 -9.60 4.85
CA ALA C 15 -5.31 -9.53 6.29
C ALA C 15 -4.12 -8.75 6.83
N ALA C 16 -2.93 -9.12 6.33
CA ALA C 16 -1.71 -8.48 6.77
C ALA C 16 -1.82 -6.96 6.70
N ARG C 17 -2.38 -6.43 5.62
CA ARG C 17 -2.54 -4.98 5.50
C ARG C 17 -3.26 -4.48 6.74
N HIS C 18 -4.38 -5.13 7.05
CA HIS C 18 -5.21 -4.73 8.19
C HIS C 18 -4.49 -4.81 9.54
N LEU C 19 -3.69 -5.85 9.71
CA LEU C 19 -2.96 -6.02 10.94
C LEU C 19 -1.89 -4.92 11.00
N ASP C 20 -0.98 -4.97 10.03
CA ASP C 20 0.07 -3.98 9.94
C ASP C 20 -0.58 -2.63 10.18
N ALA C 21 -1.76 -2.41 9.59
CA ALA C 21 -2.44 -1.14 9.75
C ALA C 21 -2.75 -0.82 11.21
N LEU C 22 -3.45 -1.73 11.90
CA LEU C 22 -3.78 -1.52 13.31
C LEU C 22 -2.55 -1.16 14.14
N LEU C 23 -1.47 -1.91 13.94
CA LEU C 23 -0.21 -1.70 14.66
C LEU C 23 0.32 -0.29 14.41
N SER C 24 0.66 0.01 13.16
CA SER C 24 1.14 1.33 12.84
C SER C 24 0.15 2.36 13.34
N SER C 25 -1.13 1.99 13.40
CA SER C 25 -2.17 2.91 13.87
C SER C 25 -2.21 3.06 15.39
N GLY C 26 -1.38 2.29 16.09
CA GLY C 26 -1.34 2.37 17.54
C GLY C 26 -2.54 1.77 18.28
N HIS C 27 -2.74 0.46 18.10
CA HIS C 27 -3.80 -0.29 18.76
C HIS C 27 -3.11 -1.40 19.51
N ASN C 28 -3.84 -2.03 20.42
CA ASN C 28 -3.25 -3.11 21.17
C ASN C 28 -3.76 -4.48 20.74
N VAL C 29 -2.99 -5.10 19.84
CA VAL C 29 -3.34 -6.42 19.33
C VAL C 29 -2.73 -7.45 20.29
N VAL C 30 -3.56 -8.00 21.17
CA VAL C 30 -3.09 -8.97 22.16
C VAL C 30 -2.70 -10.33 21.56
N GLY C 31 -3.41 -10.80 20.55
CA GLY C 31 -3.10 -12.07 19.92
C GLY C 31 -3.46 -12.16 18.45
N VAL C 32 -2.79 -13.04 17.71
CA VAL C 32 -3.07 -13.19 16.28
C VAL C 32 -3.44 -14.63 15.93
N PHE C 33 -4.43 -14.80 15.07
CA PHE C 33 -4.88 -16.12 14.64
C PHE C 33 -4.84 -16.27 13.15
N THR C 34 -4.22 -17.35 12.68
CA THR C 34 -4.16 -17.63 11.24
C THR C 34 -4.42 -19.12 11.06
N GLN C 35 -4.08 -19.61 9.88
CA GLN C 35 -4.26 -21.00 9.55
C GLN C 35 -2.95 -21.70 9.90
N PRO C 36 -3.00 -22.97 10.27
CA PRO C 36 -1.76 -23.67 10.60
C PRO C 36 -0.81 -23.82 9.39
N ASP C 37 0.48 -23.56 9.58
CA ASP C 37 1.47 -23.68 8.49
C ASP C 37 1.27 -24.95 7.67
N ARG C 38 1.43 -24.86 6.35
CA ARG C 38 1.25 -26.04 5.49
C ARG C 38 2.08 -26.02 4.21
N PRO C 39 2.05 -27.12 3.42
CA PRO C 39 2.81 -27.21 2.17
C PRO C 39 2.21 -26.26 1.15
N ALA C 40 3.04 -25.45 0.51
CA ALA C 40 2.48 -24.52 -0.48
C ALA C 40 3.41 -23.90 -1.51
N GLY C 41 3.32 -24.36 -2.77
CA GLY C 41 4.12 -23.72 -3.82
C GLY C 41 5.42 -24.24 -4.45
N ARG C 42 5.34 -25.38 -5.14
CA ARG C 42 6.53 -25.93 -5.81
C ARG C 42 7.48 -26.43 -4.75
N GLY C 43 7.42 -27.72 -4.48
CA GLY C 43 8.26 -28.31 -3.45
C GLY C 43 7.37 -28.60 -2.28
N LYS C 44 6.21 -27.99 -2.28
CA LYS C 44 5.29 -28.19 -1.18
C LYS C 44 5.99 -28.04 0.16
N LYS C 45 6.85 -27.02 0.26
CA LYS C 45 7.60 -26.67 1.48
C LYS C 45 6.65 -26.03 2.49
N LEU C 46 6.83 -26.36 3.77
CA LEU C 46 5.96 -25.79 4.80
C LEU C 46 6.22 -24.28 4.81
N MET C 47 5.20 -23.53 4.45
CA MET C 47 5.30 -22.09 4.39
C MET C 47 4.49 -21.42 5.49
N PRO C 48 5.00 -20.31 6.04
CA PRO C 48 4.30 -19.58 7.09
C PRO C 48 3.11 -19.00 6.34
N SER C 49 2.50 -17.94 6.85
CA SER C 49 1.38 -17.34 6.14
C SER C 49 1.66 -15.85 6.14
N PRO C 50 1.04 -15.11 5.23
CA PRO C 50 1.27 -13.66 5.17
C PRO C 50 1.11 -13.03 6.54
N VAL C 51 -0.03 -13.30 7.18
CA VAL C 51 -0.31 -12.74 8.48
C VAL C 51 0.72 -13.11 9.54
N LYS C 52 0.88 -14.41 9.77
CA LYS C 52 1.83 -14.89 10.77
C LYS C 52 3.15 -14.15 10.61
N VAL C 53 3.79 -14.32 9.45
CA VAL C 53 5.04 -13.66 9.14
C VAL C 53 5.16 -12.25 9.72
N LEU C 54 4.13 -11.45 9.53
CA LEU C 54 4.10 -10.08 10.02
C LEU C 54 4.06 -10.04 11.53
N ALA C 55 3.30 -10.98 12.10
CA ALA C 55 3.16 -11.08 13.53
C ALA C 55 4.51 -11.43 14.14
N GLU C 56 5.04 -12.60 13.78
CA GLU C 56 6.34 -13.06 14.26
C GLU C 56 7.22 -11.83 14.36
N GLU C 57 7.42 -11.19 13.22
CA GLU C 57 8.25 -10.00 13.15
C GLU C 57 7.89 -9.06 14.29
N LYS C 58 6.66 -8.57 14.31
CA LYS C 58 6.23 -7.66 15.35
C LYS C 58 6.26 -8.26 16.74
N GLY C 59 6.68 -9.52 16.84
CA GLY C 59 6.74 -10.19 18.12
C GLY C 59 5.41 -10.35 18.82
N LEU C 60 4.38 -10.72 18.05
CA LEU C 60 3.04 -10.90 18.57
C LEU C 60 2.67 -12.34 18.79
N PRO C 61 1.82 -12.61 19.80
CA PRO C 61 1.37 -13.95 20.15
C PRO C 61 0.56 -14.56 19.01
N VAL C 62 1.04 -15.68 18.47
CA VAL C 62 0.35 -16.34 17.39
C VAL C 62 -0.42 -17.53 17.88
N PHE C 63 -1.54 -17.78 17.21
CA PHE C 63 -2.38 -18.91 17.57
C PHE C 63 -2.85 -19.56 16.27
N GLN C 64 -2.51 -20.82 16.07
CA GLN C 64 -2.89 -21.45 14.84
C GLN C 64 -3.79 -22.65 15.04
N PRO C 65 -4.92 -22.45 15.73
CA PRO C 65 -5.88 -23.53 16.00
C PRO C 65 -6.40 -24.06 14.68
N VAL C 66 -6.42 -25.38 14.57
CA VAL C 66 -6.93 -26.02 13.38
C VAL C 66 -8.41 -25.76 13.32
N SER C 67 -9.01 -25.51 14.48
CA SER C 67 -10.44 -25.26 14.53
C SER C 67 -10.84 -24.55 15.82
N LEU C 68 -12.00 -23.89 15.80
CA LEU C 68 -12.48 -23.20 17.00
C LEU C 68 -13.76 -23.83 17.51
N ARG C 69 -13.98 -25.07 17.13
CA ARG C 69 -15.13 -25.84 17.55
C ARG C 69 -14.73 -26.46 18.91
N PRO C 70 -13.45 -26.90 19.05
CA PRO C 70 -12.90 -27.50 20.27
C PRO C 70 -12.76 -26.55 21.46
N GLN C 71 -13.23 -27.00 22.62
CA GLN C 71 -13.17 -26.23 23.85
C GLN C 71 -11.78 -25.72 24.11
N GLU C 72 -10.83 -26.65 24.15
CA GLU C 72 -9.47 -26.28 24.40
C GLU C 72 -9.07 -25.06 23.59
N ASN C 73 -9.46 -25.03 22.30
CA ASN C 73 -9.11 -23.92 21.43
C ASN C 73 -9.92 -22.64 21.68
N GLN C 74 -11.23 -22.79 21.85
CA GLN C 74 -12.07 -21.63 22.13
C GLN C 74 -11.55 -20.86 23.34
N GLN C 75 -10.82 -21.58 24.18
CA GLN C 75 -10.24 -21.01 25.39
C GLN C 75 -9.10 -20.06 25.06
N LEU C 76 -8.35 -20.39 24.02
CA LEU C 76 -7.25 -19.53 23.62
C LEU C 76 -7.73 -18.11 23.37
N VAL C 77 -9.01 -17.99 23.03
CA VAL C 77 -9.59 -16.67 22.76
C VAL C 77 -9.91 -16.00 24.09
N ALA C 78 -10.78 -16.62 24.86
CA ALA C 78 -11.19 -16.09 26.17
C ALA C 78 -10.02 -15.84 27.11
N GLU C 79 -8.98 -16.66 27.04
CA GLU C 79 -7.80 -16.51 27.90
C GLU C 79 -7.10 -15.20 27.65
N LEU C 80 -7.50 -14.52 26.59
CA LEU C 80 -6.87 -13.25 26.23
C LEU C 80 -7.67 -12.06 26.70
N GLN C 81 -8.87 -12.32 27.22
CA GLN C 81 -9.75 -11.26 27.69
C GLN C 81 -9.61 -10.03 26.82
N ALA C 82 -10.18 -10.10 25.63
CA ALA C 82 -10.14 -9.01 24.66
C ALA C 82 -11.42 -8.17 24.63
N ASP C 83 -11.30 -6.96 24.09
CA ASP C 83 -12.43 -6.06 23.97
C ASP C 83 -13.18 -6.29 22.66
N VAL C 84 -12.44 -6.62 21.61
CA VAL C 84 -12.99 -6.90 20.30
C VAL C 84 -12.06 -7.77 19.53
N MET C 85 -12.64 -8.53 18.61
CA MET C 85 -11.87 -9.41 17.74
C MET C 85 -12.10 -8.95 16.31
N VAL C 86 -11.03 -8.58 15.62
CA VAL C 86 -11.12 -8.15 14.24
C VAL C 86 -10.84 -9.34 13.35
N VAL C 87 -11.79 -9.71 12.50
CA VAL C 87 -11.57 -10.85 11.60
C VAL C 87 -11.48 -10.41 10.16
N VAL C 88 -10.47 -10.89 9.44
CA VAL C 88 -10.33 -10.49 8.03
C VAL C 88 -9.75 -11.64 7.22
N ALA C 89 -10.50 -12.10 6.22
CA ALA C 89 -10.04 -13.21 5.37
C ALA C 89 -9.56 -14.38 6.26
N TYR C 90 -10.46 -14.94 7.04
CA TYR C 90 -10.11 -16.05 7.93
C TYR C 90 -10.93 -17.27 7.54
N GLY C 91 -10.22 -18.34 7.15
CA GLY C 91 -10.88 -19.55 6.73
C GLY C 91 -11.81 -20.14 7.75
N LEU C 92 -11.28 -20.38 8.95
CA LEU C 92 -12.01 -20.96 10.07
C LEU C 92 -13.31 -20.28 10.45
N ILE C 93 -14.28 -21.07 10.90
CA ILE C 93 -15.58 -20.54 11.30
C ILE C 93 -15.54 -20.23 12.79
N LEU C 94 -16.32 -19.25 13.22
CA LEU C 94 -16.35 -18.89 14.63
C LEU C 94 -17.64 -19.33 15.29
N PRO C 95 -17.54 -20.23 16.29
CA PRO C 95 -18.62 -20.79 17.07
C PRO C 95 -19.27 -19.72 17.95
N LYS C 96 -20.53 -19.90 18.32
CA LYS C 96 -21.21 -18.91 19.12
C LYS C 96 -20.49 -18.54 20.41
N ALA C 97 -19.96 -19.53 21.11
CA ALA C 97 -19.24 -19.28 22.36
C ALA C 97 -18.17 -18.22 22.16
N VAL C 98 -17.41 -18.32 21.07
CA VAL C 98 -16.34 -17.37 20.74
C VAL C 98 -16.87 -15.98 20.40
N LEU C 99 -17.82 -15.88 19.48
CA LEU C 99 -18.40 -14.59 19.11
C LEU C 99 -18.83 -13.76 20.32
N GLU C 100 -19.18 -14.44 21.40
CA GLU C 100 -19.62 -13.77 22.61
C GLU C 100 -18.48 -13.50 23.58
N MET C 101 -17.34 -14.16 23.38
CA MET C 101 -16.21 -13.94 24.28
C MET C 101 -15.70 -12.49 24.38
N PRO C 102 -15.40 -11.84 23.24
CA PRO C 102 -14.92 -10.46 23.30
C PRO C 102 -15.97 -9.54 23.89
N ARG C 103 -15.52 -8.52 24.59
CA ARG C 103 -16.44 -7.58 25.22
C ARG C 103 -17.38 -6.96 24.21
N LEU C 104 -16.86 -6.72 23.02
CA LEU C 104 -17.61 -6.10 21.94
C LEU C 104 -17.89 -7.07 20.80
N GLY C 105 -17.61 -8.34 21.02
CA GLY C 105 -17.88 -9.31 19.99
C GLY C 105 -16.85 -9.26 18.91
N CYS C 106 -17.15 -9.93 17.79
CA CYS C 106 -16.25 -10.01 16.65
C CYS C 106 -16.74 -9.21 15.43
N ILE C 107 -15.83 -8.45 14.83
CA ILE C 107 -16.17 -7.67 13.65
C ILE C 107 -15.32 -8.17 12.51
N ASN C 108 -15.93 -8.23 11.33
CA ASN C 108 -15.26 -8.73 10.14
C ASN C 108 -15.17 -7.69 9.05
N VAL C 109 -14.07 -7.69 8.33
CA VAL C 109 -13.93 -6.74 7.23
C VAL C 109 -14.32 -7.52 5.98
N HIS C 110 -15.50 -7.26 5.44
CA HIS C 110 -15.95 -7.98 4.26
C HIS C 110 -15.74 -7.20 2.97
N GLY C 111 -15.13 -7.85 1.99
CA GLY C 111 -14.88 -7.21 0.72
C GLY C 111 -16.05 -7.11 -0.23
N SER C 112 -17.16 -6.52 0.21
CA SER C 112 -18.32 -6.33 -0.67
C SER C 112 -19.30 -5.36 -0.05
N LEU C 113 -20.24 -4.88 -0.83
CA LEU C 113 -21.20 -3.94 -0.26
C LEU C 113 -22.44 -4.72 0.09
N LEU C 114 -22.40 -5.33 1.27
CA LEU C 114 -23.51 -6.14 1.75
C LEU C 114 -24.85 -5.41 1.63
N PRO C 115 -25.96 -6.15 1.76
CA PRO C 115 -25.95 -7.59 2.03
C PRO C 115 -25.46 -8.36 0.80
N ARG C 116 -25.11 -7.64 -0.26
CA ARG C 116 -24.65 -8.26 -1.49
C ARG C 116 -23.29 -8.96 -1.38
N TRP C 117 -23.14 -10.06 -2.12
CA TRP C 117 -21.93 -10.87 -2.14
C TRP C 117 -21.47 -11.35 -0.78
N ARG C 118 -22.38 -11.95 -0.03
CA ARG C 118 -22.08 -12.54 1.27
C ARG C 118 -21.32 -13.82 0.93
N GLY C 119 -20.22 -14.11 1.60
CA GLY C 119 -19.54 -15.33 1.22
C GLY C 119 -18.04 -15.30 1.25
N ALA C 120 -17.43 -16.12 0.40
CA ALA C 120 -15.98 -16.24 0.36
C ALA C 120 -15.21 -15.46 -0.68
N ALA C 121 -15.82 -15.19 -1.82
CA ALA C 121 -15.10 -14.44 -2.84
C ALA C 121 -16.02 -13.36 -3.33
N PRO C 122 -16.19 -12.28 -2.54
CA PRO C 122 -17.05 -11.17 -2.90
C PRO C 122 -16.36 -10.23 -3.84
N ILE C 123 -15.06 -10.17 -3.73
CA ILE C 123 -14.31 -9.26 -4.56
C ILE C 123 -14.38 -9.77 -5.98
N GLN C 124 -13.75 -10.91 -6.25
CA GLN C 124 -13.74 -11.47 -7.59
C GLN C 124 -15.15 -11.64 -8.16
N ARG C 125 -16.08 -12.15 -7.36
CA ARG C 125 -17.44 -12.33 -7.85
C ARG C 125 -18.07 -11.03 -8.32
N SER C 126 -17.84 -9.95 -7.59
CA SER C 126 -18.44 -8.69 -8.00
C SER C 126 -17.96 -8.38 -9.39
N LEU C 127 -16.64 -8.35 -9.59
CA LEU C 127 -16.08 -8.04 -10.90
C LEU C 127 -16.48 -9.04 -11.97
N TRP C 128 -16.62 -10.30 -11.56
CA TRP C 128 -17.01 -11.39 -12.44
C TRP C 128 -18.45 -11.21 -12.93
N ALA C 129 -19.34 -10.84 -12.04
CA ALA C 129 -20.73 -10.69 -12.40
C ALA C 129 -21.05 -9.40 -13.11
N GLY C 130 -20.04 -8.57 -13.32
CA GLY C 130 -20.27 -7.32 -14.02
C GLY C 130 -20.57 -6.09 -13.19
N ASP C 131 -20.56 -6.23 -11.87
CA ASP C 131 -20.84 -5.10 -11.03
C ASP C 131 -20.08 -3.84 -11.44
N ALA C 132 -20.72 -2.70 -11.28
CA ALA C 132 -20.13 -1.41 -11.63
C ALA C 132 -19.20 -0.92 -10.53
N GLU C 133 -19.43 -1.39 -9.31
CA GLU C 133 -18.63 -1.00 -8.15
C GLU C 133 -18.49 -2.10 -7.11
N THR C 134 -17.69 -1.84 -6.10
CA THR C 134 -17.48 -2.81 -5.04
C THR C 134 -16.94 -2.06 -3.81
N GLY C 135 -16.35 -2.77 -2.86
CA GLY C 135 -15.81 -2.10 -1.68
C GLY C 135 -15.95 -2.92 -0.43
N VAL C 136 -15.59 -2.36 0.73
CA VAL C 136 -15.67 -3.08 2.00
C VAL C 136 -16.86 -2.76 2.90
N THR C 137 -17.03 -3.58 3.94
CA THR C 137 -18.08 -3.41 4.92
C THR C 137 -17.61 -4.07 6.21
N ILE C 138 -17.44 -3.26 7.25
CA ILE C 138 -17.00 -3.74 8.55
C ILE C 138 -18.29 -4.18 9.26
N MET C 139 -18.41 -5.46 9.58
CA MET C 139 -19.65 -5.91 10.22
C MET C 139 -19.49 -6.59 11.54
N GLN C 140 -20.56 -6.56 12.33
CA GLN C 140 -20.58 -7.23 13.63
C GLN C 140 -20.96 -8.67 13.27
N MET C 141 -20.04 -9.60 13.49
CA MET C 141 -20.30 -11.01 13.17
C MET C 141 -21.42 -11.64 13.97
N ASP C 142 -22.37 -12.25 13.26
CA ASP C 142 -23.48 -12.96 13.90
C ASP C 142 -23.21 -14.41 13.58
N VAL C 143 -24.24 -15.24 13.67
CA VAL C 143 -24.06 -16.65 13.37
C VAL C 143 -24.39 -16.89 11.91
N GLY C 144 -23.74 -17.88 11.31
CA GLY C 144 -23.99 -18.17 9.92
C GLY C 144 -22.88 -17.69 9.02
N LEU C 145 -23.24 -17.01 7.93
CA LEU C 145 -22.24 -16.54 6.99
C LEU C 145 -22.42 -15.10 6.59
N ASP C 146 -21.60 -14.22 7.15
CA ASP C 146 -21.65 -12.82 6.82
C ASP C 146 -23.09 -12.31 6.92
N THR C 147 -23.76 -12.67 8.02
CA THR C 147 -25.15 -12.29 8.29
C THR C 147 -25.25 -11.14 9.30
N GLY C 148 -24.15 -10.90 10.01
CA GLY C 148 -24.11 -9.84 11.01
C GLY C 148 -24.46 -8.44 10.52
N ASP C 149 -24.88 -7.58 11.45
CA ASP C 149 -25.25 -6.21 11.12
C ASP C 149 -24.08 -5.46 10.57
N MET C 150 -24.33 -4.58 9.62
CA MET C 150 -23.26 -3.79 9.04
C MET C 150 -23.05 -2.46 9.73
N LEU C 151 -21.80 -2.19 10.07
CA LEU C 151 -21.42 -0.97 10.78
C LEU C 151 -20.90 0.15 9.88
N TYR C 152 -19.97 -0.17 9.01
CA TYR C 152 -19.38 0.84 8.13
C TYR C 152 -19.09 0.28 6.73
N LYS C 153 -19.19 1.13 5.72
CA LYS C 153 -18.92 0.72 4.34
C LYS C 153 -18.03 1.75 3.67
N LEU C 154 -17.47 1.37 2.54
CA LEU C 154 -16.62 2.25 1.75
C LEU C 154 -16.63 1.60 0.38
N SER C 155 -16.93 2.38 -0.65
CA SER C 155 -17.01 1.84 -1.99
C SER C 155 -15.98 2.41 -2.94
N CYS C 156 -15.79 1.72 -4.05
CA CYS C 156 -14.86 2.14 -5.08
C CYS C 156 -15.40 1.50 -6.36
N PRO C 157 -15.40 2.25 -7.47
CA PRO C 157 -15.91 1.74 -8.74
C PRO C 157 -14.95 0.70 -9.33
N ILE C 158 -15.48 -0.18 -10.16
CA ILE C 158 -14.67 -1.20 -10.78
C ILE C 158 -14.41 -0.72 -12.19
N THR C 159 -13.16 -0.41 -12.50
CA THR C 159 -12.84 0.06 -13.83
C THR C 159 -13.09 -1.08 -14.78
N ALA C 160 -12.69 -0.93 -16.03
CA ALA C 160 -12.89 -1.99 -16.99
C ALA C 160 -11.55 -2.66 -17.26
N GLU C 161 -10.52 -2.25 -16.54
CA GLU C 161 -9.22 -2.86 -16.71
C GLU C 161 -8.81 -3.56 -15.42
N ASP C 162 -9.63 -3.37 -14.38
CA ASP C 162 -9.34 -4.00 -13.10
C ASP C 162 -9.42 -5.52 -13.18
N THR C 163 -8.49 -6.19 -12.52
CA THR C 163 -8.46 -7.64 -12.45
C THR C 163 -8.94 -7.83 -11.01
N SER C 164 -8.70 -8.99 -10.41
CA SER C 164 -9.11 -9.08 -9.01
C SER C 164 -7.93 -8.59 -8.19
N GLY C 165 -6.75 -8.64 -8.78
CA GLY C 165 -5.56 -8.20 -8.10
C GLY C 165 -5.62 -6.73 -7.81
N THR C 166 -6.08 -5.94 -8.78
CA THR C 166 -6.18 -4.50 -8.59
C THR C 166 -7.32 -4.13 -7.65
N LEU C 167 -8.44 -4.82 -7.73
CA LEU C 167 -9.55 -4.57 -6.82
C LEU C 167 -9.12 -4.87 -5.38
N TYR C 168 -8.34 -5.94 -5.20
CA TYR C 168 -7.86 -6.25 -3.87
C TYR C 168 -7.03 -5.09 -3.39
N ASP C 169 -6.12 -4.62 -4.23
CA ASP C 169 -5.27 -3.47 -3.88
C ASP C 169 -6.10 -2.23 -3.46
N LYS C 170 -7.11 -1.90 -4.25
CA LYS C 170 -7.93 -0.77 -3.94
C LYS C 170 -8.58 -0.97 -2.58
N LEU C 171 -9.19 -2.12 -2.34
CA LEU C 171 -9.84 -2.35 -1.04
C LEU C 171 -8.84 -2.47 0.10
N ALA C 172 -7.56 -2.64 -0.21
CA ALA C 172 -6.55 -2.74 0.84
C ALA C 172 -6.23 -1.35 1.42
N GLU C 173 -6.82 -0.33 0.81
CA GLU C 173 -6.66 1.05 1.26
C GLU C 173 -7.92 1.38 2.05
N LEU C 174 -9.08 1.15 1.45
CA LEU C 174 -10.31 1.44 2.14
C LEU C 174 -10.44 0.58 3.41
N GLY C 175 -10.30 -0.73 3.23
CA GLY C 175 -10.42 -1.67 4.36
C GLY C 175 -9.92 -1.17 5.70
N PRO C 176 -8.59 -1.11 5.91
CA PRO C 176 -8.02 -0.64 7.17
C PRO C 176 -8.70 0.62 7.64
N GLN C 177 -8.63 1.62 6.77
CA GLN C 177 -9.20 2.91 7.04
C GLN C 177 -10.60 2.77 7.60
N GLY C 178 -11.37 1.84 7.05
CA GLY C 178 -12.74 1.65 7.54
C GLY C 178 -12.71 0.95 8.88
N LEU C 179 -11.86 -0.05 8.98
CA LEU C 179 -11.69 -0.83 10.20
C LEU C 179 -11.40 0.12 11.37
N ILE C 180 -10.29 0.86 11.28
CA ILE C 180 -9.89 1.83 12.30
C ILE C 180 -11.11 2.71 12.63
N THR C 181 -11.55 3.50 11.67
CA THR C 181 -12.70 4.35 11.92
C THR C 181 -13.83 3.68 12.68
N THR C 182 -14.12 2.43 12.39
CA THR C 182 -15.21 1.74 13.07
C THR C 182 -14.84 1.34 14.49
N LEU C 183 -13.62 0.87 14.67
CA LEU C 183 -13.16 0.48 15.99
C LEU C 183 -13.27 1.64 16.96
N LYS C 184 -12.96 2.85 16.51
CA LYS C 184 -13.08 3.98 17.40
C LYS C 184 -14.56 4.12 17.79
N GLN C 185 -15.45 4.11 16.81
CA GLN C 185 -16.88 4.23 17.10
C GLN C 185 -17.24 3.20 18.15
N LEU C 186 -16.75 1.97 17.95
CA LEU C 186 -17.02 0.89 18.89
C LEU C 186 -16.53 1.25 20.26
N ALA C 187 -15.30 1.77 20.34
CA ALA C 187 -14.71 2.17 21.61
C ALA C 187 -15.50 3.32 22.27
N ASP C 188 -15.90 4.30 21.47
CA ASP C 188 -16.67 5.44 21.97
C ASP C 188 -18.15 5.15 22.10
N GLY C 189 -18.58 3.96 21.69
CA GLY C 189 -20.00 3.60 21.78
C GLY C 189 -20.89 4.27 20.75
N THR C 190 -20.31 5.06 19.87
CA THR C 190 -21.05 5.74 18.83
C THR C 190 -21.29 4.89 17.58
N ALA C 191 -21.21 3.57 17.75
CA ALA C 191 -21.45 2.65 16.63
C ALA C 191 -22.94 2.63 16.33
N LYS C 192 -23.26 2.73 15.05
CA LYS C 192 -24.65 2.75 14.61
C LYS C 192 -24.89 1.61 13.60
N PRO C 193 -25.19 0.40 14.10
CA PRO C 193 -25.46 -0.80 13.30
C PRO C 193 -26.70 -0.75 12.41
N GLU C 194 -26.62 -1.43 11.26
CA GLU C 194 -27.70 -1.55 10.27
C GLU C 194 -28.05 -3.01 10.13
N VAL C 195 -29.25 -3.33 9.71
CA VAL C 195 -29.61 -4.74 9.56
C VAL C 195 -29.64 -5.07 8.08
N GLN C 196 -29.33 -6.31 7.71
CA GLN C 196 -29.32 -6.70 6.30
C GLN C 196 -30.68 -6.98 5.67
N ASP C 197 -30.93 -6.31 4.55
CA ASP C 197 -32.17 -6.44 3.78
C ASP C 197 -32.11 -7.75 3.01
N GLU C 198 -32.68 -8.82 3.57
CA GLU C 198 -32.65 -10.13 2.95
C GLU C 198 -32.98 -10.24 1.46
N THR C 199 -33.65 -9.25 0.90
CA THR C 199 -34.00 -9.31 -0.51
C THR C 199 -32.81 -9.01 -1.41
N LEU C 200 -31.89 -8.18 -0.91
CA LEU C 200 -30.70 -7.77 -1.66
C LEU C 200 -29.52 -8.71 -1.41
N VAL C 201 -29.81 -9.91 -0.93
CA VAL C 201 -28.79 -10.90 -0.62
C VAL C 201 -28.38 -11.77 -1.80
N THR C 202 -27.09 -11.77 -2.13
CA THR C 202 -26.51 -12.60 -3.20
C THR C 202 -25.23 -13.20 -2.61
N TYR C 203 -24.89 -14.44 -2.96
CA TYR C 203 -23.69 -15.06 -2.39
C TYR C 203 -22.54 -15.18 -3.38
N ALA C 204 -21.33 -15.02 -2.88
CA ALA C 204 -20.15 -15.10 -3.73
C ALA C 204 -19.37 -16.40 -3.56
N GLU C 205 -19.78 -17.40 -4.34
CA GLU C 205 -19.19 -18.73 -4.38
C GLU C 205 -17.69 -18.64 -4.56
N LYS C 206 -16.97 -19.62 -4.03
CA LYS C 206 -15.50 -19.63 -4.13
C LYS C 206 -15.09 -19.92 -5.56
N LEU C 207 -13.84 -19.68 -5.90
CA LEU C 207 -13.36 -19.90 -7.25
C LEU C 207 -12.77 -21.30 -7.42
N SER C 208 -12.66 -21.76 -8.66
CA SER C 208 -12.12 -23.09 -8.96
C SER C 208 -11.46 -23.15 -10.34
N LYS C 209 -10.51 -24.04 -10.54
CA LYS C 209 -9.92 -24.11 -11.88
C LYS C 209 -10.92 -24.56 -12.92
N GLU C 210 -11.83 -25.45 -12.55
CA GLU C 210 -12.81 -25.90 -13.52
C GLU C 210 -13.61 -24.73 -14.08
N GLU C 211 -14.10 -23.85 -13.21
CA GLU C 211 -14.86 -22.69 -13.66
C GLU C 211 -13.94 -21.75 -14.46
N ALA C 212 -12.65 -21.82 -14.16
CA ALA C 212 -11.66 -21.01 -14.85
C ALA C 212 -11.42 -21.51 -16.27
N ARG C 213 -11.51 -22.83 -16.49
CA ARG C 213 -11.32 -23.37 -17.84
C ARG C 213 -12.32 -22.70 -18.75
N ILE C 214 -11.82 -21.89 -19.67
CA ILE C 214 -12.68 -21.15 -20.57
C ILE C 214 -13.86 -21.93 -21.15
N ASP C 215 -15.09 -21.45 -20.92
CA ASP C 215 -16.27 -22.11 -21.49
C ASP C 215 -16.93 -21.31 -22.65
N TRP C 216 -16.53 -21.63 -23.87
CA TRP C 216 -16.98 -20.91 -25.07
C TRP C 216 -18.49 -20.76 -25.22
N SER C 217 -19.23 -21.58 -24.48
CA SER C 217 -20.68 -21.50 -24.51
C SER C 217 -21.10 -20.10 -24.09
N LEU C 218 -20.42 -19.58 -23.07
CA LEU C 218 -20.68 -18.26 -22.49
C LEU C 218 -20.45 -17.10 -23.45
N SER C 219 -21.11 -15.99 -23.19
CA SER C 219 -20.97 -14.80 -24.03
C SER C 219 -19.51 -14.35 -24.02
N ALA C 220 -19.13 -13.57 -25.01
CA ALA C 220 -17.76 -13.09 -25.03
C ALA C 220 -17.56 -12.24 -23.77
N ALA C 221 -18.57 -11.46 -23.42
CA ALA C 221 -18.53 -10.58 -22.26
C ALA C 221 -18.36 -11.24 -20.90
N GLN C 222 -19.05 -12.36 -20.67
CA GLN C 222 -18.90 -13.06 -19.40
C GLN C 222 -17.44 -13.56 -19.28
N LEU C 223 -16.91 -14.05 -20.39
CA LEU C 223 -15.56 -14.58 -20.44
C LEU C 223 -14.54 -13.48 -20.21
N GLU C 224 -14.76 -12.34 -20.86
CA GLU C 224 -13.88 -11.19 -20.74
C GLU C 224 -13.77 -10.90 -19.24
N ARG C 225 -14.88 -11.02 -18.53
CA ARG C 225 -14.87 -10.79 -17.10
C ARG C 225 -14.13 -11.88 -16.37
N CYS C 226 -14.41 -13.13 -16.75
CA CYS C 226 -13.73 -14.25 -16.13
C CYS C 226 -12.24 -14.00 -16.26
N ILE C 227 -11.80 -13.75 -17.48
CA ILE C 227 -10.38 -13.51 -17.76
C ILE C 227 -9.77 -12.45 -16.88
N ARG C 228 -10.60 -11.67 -16.22
CA ARG C 228 -10.08 -10.63 -15.35
C ARG C 228 -10.40 -10.94 -13.89
N ALA C 229 -11.58 -11.50 -13.65
CA ALA C 229 -11.97 -11.84 -12.32
C ALA C 229 -11.16 -13.02 -11.83
N PHE C 230 -10.71 -13.87 -12.74
CA PHE C 230 -9.95 -15.04 -12.34
C PHE C 230 -8.46 -14.80 -12.25
N ASN C 231 -8.11 -13.54 -12.26
CA ASN C 231 -6.72 -13.11 -12.18
C ASN C 231 -6.55 -12.48 -10.79
N PRO C 232 -5.48 -12.82 -10.07
CA PRO C 232 -4.35 -13.73 -10.34
C PRO C 232 -4.59 -15.23 -10.19
N TRP C 233 -5.75 -15.63 -9.65
CA TRP C 233 -6.03 -17.05 -9.48
C TRP C 233 -7.50 -17.35 -9.68
N PRO C 234 -7.82 -18.47 -10.35
CA PRO C 234 -6.83 -19.40 -10.90
C PRO C 234 -6.22 -19.04 -12.25
N MET C 235 -6.81 -18.05 -12.93
CA MET C 235 -6.40 -17.58 -14.27
C MET C 235 -7.14 -18.35 -15.35
N SER C 236 -7.95 -17.64 -16.14
CA SER C 236 -8.66 -18.31 -17.22
C SER C 236 -7.65 -19.00 -18.10
N TRP C 237 -7.89 -20.28 -18.34
CA TRP C 237 -7.02 -21.10 -19.17
C TRP C 237 -7.82 -21.88 -20.19
N LEU C 238 -7.13 -22.26 -21.25
CA LEU C 238 -7.76 -23.08 -22.26
C LEU C 238 -6.72 -24.18 -22.51
N GLU C 239 -7.18 -25.32 -23.01
CA GLU C 239 -6.29 -26.44 -23.26
C GLU C 239 -5.86 -26.57 -24.72
N ILE C 240 -4.55 -26.74 -24.92
CA ILE C 240 -3.97 -26.91 -26.26
C ILE C 240 -3.00 -28.10 -26.19
N GLU C 241 -3.34 -29.19 -26.89
CA GLU C 241 -2.51 -30.40 -26.90
C GLU C 241 -2.38 -30.88 -25.47
N GLY C 242 -3.52 -31.08 -24.82
CA GLY C 242 -3.52 -31.55 -23.44
C GLY C 242 -2.57 -30.68 -22.63
N GLN C 243 -2.70 -29.37 -22.82
CA GLN C 243 -1.85 -28.41 -22.13
C GLN C 243 -2.62 -27.16 -21.74
N PRO C 244 -2.39 -26.67 -20.52
CA PRO C 244 -3.08 -25.47 -20.05
C PRO C 244 -2.38 -24.23 -20.60
N VAL C 245 -3.13 -23.34 -21.25
CA VAL C 245 -2.56 -22.09 -21.74
C VAL C 245 -3.39 -21.06 -21.00
N LYS C 246 -2.75 -20.28 -20.15
CA LYS C 246 -3.45 -19.28 -19.36
C LYS C 246 -3.66 -18.03 -20.16
N VAL C 247 -4.91 -17.56 -20.18
CA VAL C 247 -5.29 -16.36 -20.90
C VAL C 247 -5.23 -15.15 -19.97
N TRP C 248 -4.32 -14.24 -20.23
CA TRP C 248 -4.18 -13.07 -19.39
C TRP C 248 -5.05 -11.91 -19.82
N LYS C 249 -5.03 -11.58 -21.11
CA LYS C 249 -5.85 -10.47 -21.57
C LYS C 249 -6.69 -10.81 -22.79
N ALA C 250 -7.90 -10.28 -22.84
CA ALA C 250 -8.79 -10.56 -23.95
C ALA C 250 -9.84 -9.50 -24.05
N SER C 251 -9.86 -8.83 -25.20
CA SER C 251 -10.84 -7.79 -25.47
C SER C 251 -12.03 -8.45 -26.13
N VAL C 252 -13.16 -7.75 -26.15
CA VAL C 252 -14.36 -8.26 -26.77
C VAL C 252 -14.66 -7.53 -28.09
N ILE C 253 -14.85 -8.30 -29.16
CA ILE C 253 -15.18 -7.75 -30.46
C ILE C 253 -16.67 -7.89 -30.62
N ASP C 254 -17.32 -6.78 -30.95
CA ASP C 254 -18.76 -6.76 -31.09
C ASP C 254 -19.24 -6.88 -32.54
N THR C 255 -19.35 -8.12 -32.98
CA THR C 255 -19.81 -8.46 -34.32
C THR C 255 -20.19 -9.93 -34.20
N ALA C 256 -21.50 -10.21 -34.12
CA ALA C 256 -22.02 -11.57 -33.98
C ALA C 256 -21.51 -12.61 -34.97
N THR C 257 -21.65 -13.87 -34.60
CA THR C 257 -21.21 -14.97 -35.45
C THR C 257 -22.08 -16.23 -35.22
N ASN C 258 -22.23 -17.03 -36.26
CA ASN C 258 -23.03 -18.22 -36.18
C ASN C 258 -22.18 -19.46 -36.10
N ALA C 259 -20.88 -19.29 -36.21
CA ALA C 259 -19.96 -20.41 -36.14
C ALA C 259 -20.09 -21.07 -34.77
N ALA C 260 -19.75 -22.34 -34.70
CA ALA C 260 -19.82 -23.07 -33.43
C ALA C 260 -18.80 -22.49 -32.45
N PRO C 261 -19.25 -22.19 -31.23
CA PRO C 261 -18.37 -21.64 -30.21
C PRO C 261 -17.07 -22.41 -30.03
N GLY C 262 -15.97 -21.67 -30.09
CA GLY C 262 -14.66 -22.25 -29.91
C GLY C 262 -13.93 -22.16 -31.21
N THR C 263 -14.68 -21.81 -32.25
CA THR C 263 -14.07 -21.72 -33.55
C THR C 263 -13.17 -20.51 -33.69
N ILE C 264 -11.97 -20.73 -34.20
CA ILE C 264 -11.04 -19.64 -34.40
C ILE C 264 -11.50 -18.94 -35.67
N LEU C 265 -11.59 -17.61 -35.66
CA LEU C 265 -12.04 -16.90 -36.84
C LEU C 265 -10.89 -16.15 -37.51
N GLU C 266 -10.00 -15.58 -36.69
CA GLU C 266 -8.84 -14.87 -37.20
C GLU C 266 -7.72 -15.21 -36.28
N ALA C 267 -6.50 -14.85 -36.68
CA ALA C 267 -5.30 -15.10 -35.91
C ALA C 267 -4.17 -14.24 -36.45
N ASN C 268 -4.15 -12.97 -36.06
CA ASN C 268 -3.10 -12.06 -36.51
C ASN C 268 -2.58 -11.20 -35.39
N LYS C 269 -1.65 -10.33 -35.74
CA LYS C 269 -1.03 -9.42 -34.77
C LYS C 269 -2.07 -8.77 -33.86
N GLN C 270 -3.28 -8.63 -34.37
CA GLN C 270 -4.34 -7.99 -33.60
C GLN C 270 -4.99 -8.91 -32.58
N GLY C 271 -4.59 -10.17 -32.57
CA GLY C 271 -5.18 -11.09 -31.62
C GLY C 271 -5.83 -12.29 -32.29
N ILE C 272 -6.18 -13.27 -31.47
CA ILE C 272 -6.79 -14.48 -31.95
C ILE C 272 -8.28 -14.46 -31.64
N GLN C 273 -9.09 -14.17 -32.64
CA GLN C 273 -10.52 -14.10 -32.44
C GLN C 273 -11.11 -15.48 -32.37
N VAL C 274 -11.94 -15.74 -31.37
CA VAL C 274 -12.56 -17.04 -31.22
C VAL C 274 -14.05 -16.85 -31.03
N ALA C 275 -14.84 -17.72 -31.64
CA ALA C 275 -16.29 -17.62 -31.53
C ALA C 275 -16.75 -18.06 -30.15
N THR C 276 -17.74 -17.36 -29.61
CA THR C 276 -18.27 -17.69 -28.29
C THR C 276 -19.79 -17.81 -28.41
N GLY C 277 -20.47 -18.09 -27.30
CA GLY C 277 -21.91 -18.21 -27.32
C GLY C 277 -22.61 -16.95 -27.84
N ASP C 278 -21.94 -15.81 -27.69
CA ASP C 278 -22.46 -14.54 -28.15
C ASP C 278 -21.37 -13.47 -28.18
N GLY C 279 -20.98 -13.07 -29.38
CA GLY C 279 -19.93 -12.07 -29.53
C GLY C 279 -18.70 -12.86 -29.88
N ILE C 280 -17.57 -12.20 -30.13
CA ILE C 280 -16.34 -12.91 -30.46
C ILE C 280 -15.26 -12.51 -29.49
N LEU C 281 -14.80 -13.41 -28.63
CA LEU C 281 -13.73 -13.08 -27.70
C LEU C 281 -12.41 -12.92 -28.48
N ASN C 282 -11.61 -11.93 -28.11
CA ASN C 282 -10.36 -11.69 -28.81
C ASN C 282 -9.08 -11.81 -27.97
N LEU C 283 -8.59 -13.03 -27.79
CA LEU C 283 -7.39 -13.29 -27.01
C LEU C 283 -6.21 -12.44 -27.43
N LEU C 284 -5.65 -11.67 -26.50
CA LEU C 284 -4.53 -10.77 -26.78
C LEU C 284 -3.24 -11.15 -26.05
N SER C 285 -3.39 -11.82 -24.92
CA SER C 285 -2.22 -12.18 -24.15
C SER C 285 -2.40 -13.60 -23.58
N LEU C 286 -1.52 -14.50 -23.97
CA LEU C 286 -1.61 -15.87 -23.47
C LEU C 286 -0.30 -16.31 -22.86
N GLN C 287 -0.39 -17.27 -21.96
CA GLN C 287 0.77 -17.81 -21.27
C GLN C 287 0.88 -19.31 -21.40
N PRO C 288 1.79 -19.77 -22.29
CA PRO C 288 2.10 -21.17 -22.60
C PRO C 288 2.78 -21.85 -21.41
N ALA C 289 2.23 -22.97 -20.95
CA ALA C 289 2.79 -23.72 -19.81
C ALA C 289 4.32 -23.64 -19.73
N GLY C 290 4.85 -23.21 -18.60
CA GLY C 290 6.30 -23.13 -18.48
C GLY C 290 6.91 -21.88 -19.06
N LYS C 291 6.08 -21.00 -19.61
CA LYS C 291 6.54 -19.73 -20.20
C LYS C 291 5.93 -18.53 -19.47
N LYS C 292 6.02 -17.36 -20.07
CA LYS C 292 5.40 -16.20 -19.43
C LYS C 292 4.24 -15.72 -20.26
N ALA C 293 3.61 -14.64 -19.84
CA ALA C 293 2.49 -14.12 -20.58
C ALA C 293 3.10 -13.49 -21.81
N MET C 294 2.43 -13.62 -22.95
CA MET C 294 2.94 -13.01 -24.16
C MET C 294 1.78 -12.61 -25.07
N SER C 295 2.11 -11.80 -26.05
CA SER C 295 1.14 -11.29 -27.01
C SER C 295 0.76 -12.33 -28.03
N ALA C 296 -0.47 -12.25 -28.50
CA ALA C 296 -0.99 -13.18 -29.49
C ALA C 296 0.02 -13.22 -30.62
N GLN C 297 0.58 -12.06 -30.93
CA GLN C 297 1.57 -11.99 -31.98
C GLN C 297 2.71 -12.92 -31.62
N ASP C 298 3.43 -12.58 -30.54
CA ASP C 298 4.56 -13.39 -30.08
C ASP C 298 4.28 -14.86 -30.02
N LEU C 299 3.06 -15.21 -29.68
CA LEU C 299 2.71 -16.61 -29.57
C LEU C 299 2.54 -17.23 -30.95
N LEU C 300 1.87 -16.52 -31.86
CA LEU C 300 1.67 -17.04 -33.19
C LEU C 300 2.99 -17.18 -33.95
N ASN C 301 4.00 -16.40 -33.60
CA ASN C 301 5.26 -16.54 -34.32
C ASN C 301 5.97 -17.85 -34.06
N SER C 302 5.31 -18.81 -33.40
CA SER C 302 5.95 -20.11 -33.15
C SER C 302 4.94 -21.19 -32.86
N ARG C 303 3.67 -20.83 -32.80
CA ARG C 303 2.64 -21.81 -32.54
C ARG C 303 1.47 -21.44 -33.39
N ARG C 304 1.78 -21.01 -34.61
CA ARG C 304 0.75 -20.62 -35.55
C ARG C 304 -0.26 -21.73 -35.71
N GLU C 305 0.23 -22.95 -35.62
CA GLU C 305 -0.57 -24.17 -35.76
C GLU C 305 -1.54 -24.40 -34.63
N TRP C 306 -1.30 -23.72 -33.51
CA TRP C 306 -2.19 -23.86 -32.36
C TRP C 306 -3.51 -23.15 -32.62
N PHE C 307 -3.48 -22.09 -33.42
CA PHE C 307 -4.67 -21.31 -33.72
C PHE C 307 -4.93 -21.04 -35.20
N VAL C 308 -5.14 -22.09 -35.98
CA VAL C 308 -5.42 -21.93 -37.40
C VAL C 308 -6.92 -21.78 -37.57
N PRO C 309 -7.36 -20.75 -38.33
CA PRO C 309 -8.76 -20.44 -38.60
C PRO C 309 -9.51 -21.62 -39.18
N GLY C 310 -10.69 -21.88 -38.66
CA GLY C 310 -11.48 -22.99 -39.14
C GLY C 310 -11.44 -24.09 -38.10
N ASN C 311 -10.29 -24.24 -37.46
CA ASN C 311 -10.12 -25.24 -36.42
C ASN C 311 -10.96 -24.77 -35.24
N ARG C 312 -11.12 -25.64 -34.25
CA ARG C 312 -11.90 -25.28 -33.09
C ARG C 312 -11.13 -25.62 -31.83
N LEU C 313 -11.41 -24.86 -30.77
CA LEU C 313 -10.78 -25.07 -29.47
C LEU C 313 -11.91 -25.65 -28.63
N VAL C 314 -11.59 -26.44 -27.62
CA VAL C 314 -12.65 -26.99 -26.78
C VAL C 314 -13.01 -26.05 -25.61
N SER D 1 9.10 34.47 31.58
CA SER D 1 9.17 33.10 30.98
C SER D 1 10.55 32.46 31.14
N GLU D 2 10.55 31.14 31.37
CA GLU D 2 11.80 30.41 31.54
C GLU D 2 12.02 29.37 30.44
N SER D 3 13.24 28.84 30.40
CA SER D 3 13.63 27.87 29.41
C SER D 3 12.75 26.62 29.41
N LEU D 4 11.92 26.43 28.39
CA LEU D 4 11.12 25.21 28.32
C LEU D 4 12.17 24.13 28.15
N ARG D 5 12.31 23.28 29.16
CA ARG D 5 13.28 22.22 29.06
C ARG D 5 12.77 21.37 27.92
N ILE D 6 13.57 21.26 26.87
CA ILE D 6 13.15 20.49 25.71
C ILE D 6 13.97 19.24 25.38
N ILE D 7 13.25 18.14 25.11
CA ILE D 7 13.88 16.90 24.71
C ILE D 7 13.63 16.87 23.20
N PHE D 8 14.69 16.68 22.43
CA PHE D 8 14.53 16.63 20.98
C PHE D 8 14.74 15.21 20.48
N ALA D 9 13.82 14.76 19.62
CA ALA D 9 13.86 13.40 19.09
C ALA D 9 13.86 13.39 17.57
N GLY D 10 15.01 13.08 16.97
CA GLY D 10 15.10 13.07 15.52
C GLY D 10 16.33 12.38 14.94
N THR D 11 16.31 12.14 13.64
CA THR D 11 17.40 11.43 13.03
C THR D 11 18.07 12.06 11.82
N PRO D 12 17.31 12.27 10.73
CA PRO D 12 17.86 12.86 9.50
C PRO D 12 18.15 14.35 9.53
N ASP D 13 18.71 14.85 8.43
CA ASP D 13 19.05 16.26 8.30
C ASP D 13 17.83 17.11 8.58
N PHE D 14 16.68 16.71 8.04
CA PHE D 14 15.44 17.44 8.25
C PHE D 14 15.24 17.76 9.75
N ALA D 15 15.61 16.80 10.59
CA ALA D 15 15.48 17.00 12.03
C ALA D 15 16.53 18.02 12.44
N ALA D 16 17.76 17.79 12.00
CA ALA D 16 18.89 18.66 12.32
C ALA D 16 18.56 20.14 12.11
N ARG D 17 17.84 20.46 11.05
CA ARG D 17 17.44 21.84 10.82
C ARG D 17 16.68 22.30 12.04
N HIS D 18 15.68 21.51 12.44
CA HIS D 18 14.87 21.85 13.58
C HIS D 18 15.62 21.99 14.90
N LEU D 19 16.58 21.12 15.14
CA LEU D 19 17.37 21.16 16.36
C LEU D 19 18.23 22.40 16.30
N ASP D 20 19.02 22.47 15.25
CA ASP D 20 19.89 23.62 15.02
C ASP D 20 19.01 24.87 15.18
N ALA D 21 17.83 24.84 14.59
CA ALA D 21 16.92 25.98 14.68
C ALA D 21 16.60 26.34 16.13
N LEU D 22 16.19 25.36 16.93
CA LEU D 22 15.84 25.61 18.32
C LEU D 22 16.98 26.28 19.07
N LEU D 23 18.19 25.76 18.85
CA LEU D 23 19.35 26.29 19.50
C LEU D 23 19.58 27.74 19.12
N SER D 24 19.80 27.99 17.84
CA SER D 24 20.03 29.37 17.42
C SER D 24 18.96 30.27 18.00
N SER D 25 17.76 29.73 18.15
CA SER D 25 16.60 30.47 18.65
C SER D 25 16.63 30.69 20.17
N GLY D 26 17.59 30.06 20.84
CA GLY D 26 17.72 30.23 22.27
C GLY D 26 16.70 29.46 23.10
N HIS D 27 16.65 28.14 22.90
CA HIS D 27 15.75 27.28 23.66
C HIS D 27 16.61 26.33 24.44
N ASN D 28 16.05 25.76 25.49
CA ASN D 28 16.82 24.88 26.32
C ASN D 28 16.57 23.42 25.99
N VAL D 29 17.44 22.86 25.15
CA VAL D 29 17.34 21.45 24.76
C VAL D 29 18.13 20.61 25.77
N VAL D 30 17.41 20.05 26.73
CA VAL D 30 18.04 19.26 27.78
C VAL D 30 18.62 17.95 27.26
N GLY D 31 17.95 17.31 26.31
CA GLY D 31 18.45 16.05 25.79
C GLY D 31 18.04 15.76 24.36
N VAL D 32 18.85 14.97 23.66
CA VAL D 32 18.59 14.58 22.27
C VAL D 32 18.49 13.06 22.08
N PHE D 33 17.53 12.64 21.27
CA PHE D 33 17.31 11.23 20.98
C PHE D 33 17.33 10.92 19.49
N THR D 34 18.19 10.02 19.07
CA THR D 34 18.25 9.64 17.66
C THR D 34 18.21 8.14 17.54
N GLN D 35 18.64 7.64 16.39
CA GLN D 35 18.68 6.20 16.15
C GLN D 35 20.10 5.77 16.50
N PRO D 36 20.26 4.53 16.95
CA PRO D 36 21.61 4.07 17.30
C PRO D 36 22.51 4.06 16.06
N ASP D 37 23.73 4.55 16.18
CA ASP D 37 24.65 4.54 15.04
C ASP D 37 24.54 3.19 14.36
N ARG D 38 24.87 3.12 13.07
CA ARG D 38 24.82 1.85 12.34
C ARG D 38 25.57 1.93 10.98
N PRO D 39 25.83 0.76 10.34
CA PRO D 39 26.51 0.65 9.05
C PRO D 39 25.69 1.34 7.99
N ALA D 40 26.31 2.23 7.22
CA ALA D 40 25.57 2.90 6.17
C ALA D 40 26.41 3.57 5.13
N GLY D 41 26.32 3.09 3.89
CA GLY D 41 27.04 3.76 2.82
C GLY D 41 28.40 3.42 2.26
N ARG D 42 28.46 2.33 1.48
CA ARG D 42 29.69 1.91 0.85
C ARG D 42 30.76 1.71 1.90
N GLY D 43 30.97 0.45 2.25
CA GLY D 43 31.95 0.10 3.25
C GLY D 43 31.18 -0.22 4.53
N LYS D 44 29.90 0.12 4.54
CA LYS D 44 29.06 -0.13 5.69
C LYS D 44 29.72 0.30 6.99
N LYS D 45 30.41 1.44 6.96
CA LYS D 45 31.07 2.01 8.13
C LYS D 45 30.00 2.54 9.07
N LEU D 46 30.27 2.47 10.36
CA LEU D 46 29.31 2.94 11.36
C LEU D 46 29.31 4.44 11.24
N MET D 47 28.20 4.99 10.78
CA MET D 47 28.09 6.42 10.66
C MET D 47 27.00 6.98 11.54
N PRO D 48 27.26 8.11 12.22
CA PRO D 48 26.33 8.79 13.12
C PRO D 48 25.20 9.43 12.35
N SER D 49 23.98 9.31 12.86
CA SER D 49 22.85 9.93 12.18
C SER D 49 23.10 11.45 12.08
N PRO D 50 22.45 12.14 11.11
CA PRO D 50 22.64 13.55 10.94
C PRO D 50 22.48 14.43 12.19
N VAL D 51 21.46 14.07 13.01
CA VAL D 51 21.08 14.80 14.24
C VAL D 51 22.15 14.70 15.28
N LYS D 52 22.54 13.49 15.65
CA LYS D 52 23.61 13.31 16.66
C LYS D 52 24.78 14.28 16.39
N VAL D 53 25.41 14.10 15.23
CA VAL D 53 26.54 14.95 14.85
C VAL D 53 26.39 16.41 15.29
N LEU D 54 25.22 16.97 15.07
CA LEU D 54 24.94 18.36 15.43
C LEU D 54 24.90 18.49 16.95
N ALA D 55 24.32 17.49 17.60
CA ALA D 55 24.24 17.49 19.05
C ALA D 55 25.67 17.47 19.60
N GLU D 56 26.39 16.39 19.31
CA GLU D 56 27.77 16.21 19.75
C GLU D 56 28.44 17.55 19.75
N GLU D 57 28.49 18.15 18.56
CA GLU D 57 29.10 19.45 18.39
C GLU D 57 28.64 20.43 19.47
N LYS D 58 27.34 20.69 19.55
CA LYS D 58 26.81 21.62 20.53
C LYS D 58 27.00 21.15 21.96
N GLY D 59 27.57 19.96 22.11
CA GLY D 59 27.82 19.39 23.42
C GLY D 59 26.54 19.07 24.18
N LEU D 60 25.58 18.46 23.48
CA LEU D 60 24.30 18.10 24.09
C LEU D 60 24.18 16.63 24.44
N PRO D 61 23.53 16.34 25.57
CA PRO D 61 23.36 14.94 25.96
C PRO D 61 22.57 14.14 24.92
N VAL D 62 23.21 13.09 24.41
CA VAL D 62 22.60 12.23 23.42
C VAL D 62 22.08 10.91 24.01
N PHE D 63 20.94 10.46 23.51
CA PHE D 63 20.36 9.20 23.99
C PHE D 63 19.95 8.36 22.77
N GLN D 64 20.55 7.18 22.64
CA GLN D 64 20.26 6.36 21.47
C GLN D 64 19.58 5.04 21.77
N PRO D 65 18.45 5.08 22.49
CA PRO D 65 17.68 3.89 22.86
C PRO D 65 17.21 3.13 21.64
N VAL D 66 17.42 1.82 21.63
CA VAL D 66 16.99 1.03 20.51
C VAL D 66 15.47 0.95 20.49
N SER D 67 14.88 1.35 21.60
CA SER D 67 13.43 1.34 21.74
C SER D 67 12.95 2.05 23.00
N LEU D 68 11.68 2.43 22.99
CA LEU D 68 11.10 3.11 24.14
C LEU D 68 9.99 2.32 24.81
N ARG D 69 9.96 1.01 24.54
CA ARG D 69 9.01 0.11 25.18
C ARG D 69 9.65 -0.27 26.54
N PRO D 70 10.99 -0.46 26.55
CA PRO D 70 11.72 -0.81 27.78
C PRO D 70 11.66 0.24 28.88
N GLN D 71 11.33 -0.21 30.08
CA GLN D 71 11.26 0.66 31.24
C GLN D 71 12.56 1.43 31.39
N GLU D 72 13.65 0.69 31.51
CA GLU D 72 14.95 1.32 31.67
C GLU D 72 15.11 2.52 30.75
N ASN D 73 14.72 2.38 29.48
CA ASN D 73 14.83 3.46 28.50
C ASN D 73 13.82 4.58 28.72
N GLN D 74 12.54 4.22 28.90
CA GLN D 74 11.50 5.22 29.13
C GLN D 74 11.89 6.14 30.28
N GLN D 75 12.80 5.65 31.11
CA GLN D 75 13.28 6.39 32.27
C GLN D 75 14.22 7.52 31.82
N LEU D 76 14.95 7.26 30.73
CA LEU D 76 15.87 8.25 30.18
C LEU D 76 15.13 9.53 29.85
N VAL D 77 13.85 9.41 29.56
CA VAL D 77 13.03 10.59 29.24
C VAL D 77 12.63 11.34 30.51
N ALA D 78 11.85 10.68 31.36
CA ALA D 78 11.39 11.27 32.63
C ALA D 78 12.55 11.74 33.50
N GLU D 79 13.67 11.03 33.43
CA GLU D 79 14.86 11.36 34.20
C GLU D 79 15.36 12.75 33.83
N LEU D 80 14.78 13.35 32.80
CA LEU D 80 15.18 14.68 32.32
C LEU D 80 14.19 15.77 32.68
N GLN D 81 13.09 15.38 33.32
CA GLN D 81 12.04 16.31 33.72
C GLN D 81 11.98 17.46 32.74
N ALA D 82 11.35 17.20 31.62
CA ALA D 82 11.22 18.19 30.57
C ALA D 82 9.81 18.73 30.48
N ASP D 83 9.69 19.90 29.90
CA ASP D 83 8.39 20.56 29.75
C ASP D 83 7.67 20.15 28.48
N VAL D 84 8.45 19.75 27.48
CA VAL D 84 7.88 19.31 26.22
C VAL D 84 8.92 18.52 25.50
N MET D 85 8.47 17.66 24.60
CA MET D 85 9.37 16.86 23.81
C MET D 85 8.97 17.14 22.37
N VAL D 86 9.95 17.57 21.56
CA VAL D 86 9.71 17.89 20.16
C VAL D 86 10.23 16.73 19.32
N VAL D 87 9.36 16.12 18.57
CA VAL D 87 9.77 14.97 17.77
C VAL D 87 9.67 15.31 16.31
N VAL D 88 10.75 15.04 15.56
CA VAL D 88 10.76 15.33 14.12
C VAL D 88 11.57 14.29 13.37
N ALA D 89 10.91 13.60 12.43
CA ALA D 89 11.54 12.55 11.64
C ALA D 89 12.24 11.52 12.54
N TYR D 90 11.46 10.89 13.43
CA TYR D 90 11.99 9.90 14.38
C TYR D 90 11.39 8.51 14.15
N GLY D 91 12.26 7.55 13.87
CA GLY D 91 11.80 6.20 13.60
C GLY D 91 11.00 5.60 14.74
N LEU D 92 11.67 5.43 15.88
CA LEU D 92 11.08 4.84 17.10
C LEU D 92 9.68 5.36 17.41
N ILE D 93 8.89 4.48 18.04
CA ILE D 93 7.52 4.81 18.43
C ILE D 93 7.53 5.22 19.91
N LEU D 94 6.58 6.07 20.28
CA LEU D 94 6.51 6.57 21.63
C LEU D 94 5.36 5.95 22.41
N PRO D 95 5.68 5.16 23.45
CA PRO D 95 4.74 4.47 24.34
C PRO D 95 3.92 5.51 25.11
N LYS D 96 2.72 5.13 25.56
CA LYS D 96 1.84 6.05 26.32
C LYS D 96 2.56 6.67 27.52
N ALA D 97 3.25 5.83 28.28
CA ALA D 97 4.00 6.26 29.47
C ALA D 97 4.88 7.49 29.14
N VAL D 98 5.57 7.42 28.00
CA VAL D 98 6.43 8.50 27.57
C VAL D 98 5.63 9.77 27.16
N LEU D 99 4.68 9.62 26.26
CA LEU D 99 3.89 10.76 25.84
C LEU D 99 3.41 11.59 27.03
N GLU D 100 3.23 10.93 28.17
CA GLU D 100 2.73 11.60 29.36
C GLU D 100 3.83 12.14 30.29
N MET D 101 5.06 11.70 30.08
CA MET D 101 6.15 12.16 30.92
C MET D 101 6.40 13.68 30.86
N PRO D 102 6.55 14.29 29.66
CA PRO D 102 6.78 15.74 29.58
C PRO D 102 5.58 16.53 30.15
N ARG D 103 5.87 17.64 30.78
CA ARG D 103 4.80 18.42 31.35
C ARG D 103 3.76 18.79 30.31
N LEU D 104 4.21 19.03 29.08
CA LEU D 104 3.28 19.42 28.01
C LEU D 104 3.05 18.33 26.97
N GLY D 105 3.60 17.15 27.22
CA GLY D 105 3.40 16.05 26.30
C GLY D 105 4.40 16.17 25.21
N CYS D 106 4.20 15.43 24.12
CA CYS D 106 5.14 15.45 22.99
C CYS D 106 4.49 16.03 21.73
N ILE D 107 5.23 16.84 21.00
CA ILE D 107 4.69 17.40 19.77
C ILE D 107 5.58 16.90 18.65
N ASN D 108 4.96 16.79 17.48
CA ASN D 108 5.67 16.29 16.32
C ASN D 108 5.49 17.21 15.14
N VAL D 109 6.57 17.41 14.39
CA VAL D 109 6.52 18.25 13.20
C VAL D 109 6.24 17.28 12.05
N HIS D 110 5.04 17.34 11.50
CA HIS D 110 4.69 16.42 10.42
C HIS D 110 4.68 17.10 9.06
N GLY D 111 5.43 16.54 8.13
CA GLY D 111 5.52 17.12 6.79
C GLY D 111 4.35 16.91 5.86
N SER D 112 3.15 17.34 6.27
CA SER D 112 1.96 17.18 5.45
C SER D 112 0.85 17.99 6.08
N LEU D 113 -0.20 18.29 5.31
CA LEU D 113 -1.31 19.06 5.86
C LEU D 113 -2.42 18.13 6.34
N LEU D 114 -2.25 17.61 7.55
CA LEU D 114 -3.18 16.68 8.15
C LEU D 114 -4.63 17.16 8.02
N PRO D 115 -5.59 16.26 8.27
CA PRO D 115 -5.35 14.86 8.66
C PRO D 115 -4.76 14.04 7.51
N ARG D 116 -4.59 14.71 6.37
CA ARG D 116 -4.06 14.10 5.15
C ARG D 116 -2.57 13.68 5.26
N TRP D 117 -2.24 12.56 4.64
CA TRP D 117 -0.90 12.04 4.62
C TRP D 117 -0.32 11.71 5.99
N ARG D 118 -1.12 11.06 6.81
CA ARG D 118 -0.66 10.62 8.13
C ARG D 118 0.25 9.45 7.82
N GLY D 119 1.47 9.44 8.34
CA GLY D 119 2.35 8.32 8.06
C GLY D 119 3.85 8.53 8.16
N ALA D 120 4.59 7.91 7.24
CA ALA D 120 6.05 8.01 7.25
C ALA D 120 6.67 8.79 6.10
N ALA D 121 5.94 8.91 4.98
CA ALA D 121 6.49 9.65 3.85
C ALA D 121 5.39 10.51 3.27
N PRO D 122 4.98 11.57 3.99
CA PRO D 122 3.93 12.53 3.63
C PRO D 122 4.40 13.55 2.59
N ILE D 123 5.68 13.89 2.62
CA ILE D 123 6.20 14.83 1.68
C ILE D 123 6.21 14.17 0.30
N GLN D 124 7.10 13.19 0.12
CA GLN D 124 7.20 12.48 -1.15
C GLN D 124 5.81 12.10 -1.63
N ARG D 125 5.12 11.33 -0.80
CA ARG D 125 3.81 10.84 -1.12
C ARG D 125 2.88 11.94 -1.63
N SER D 126 2.94 13.12 -1.04
CA SER D 126 2.06 14.20 -1.51
C SER D 126 2.38 14.50 -2.98
N LEU D 127 3.65 14.79 -3.26
CA LEU D 127 4.11 15.08 -4.61
C LEU D 127 3.84 13.90 -5.58
N TRP D 128 4.02 12.70 -5.07
CA TRP D 128 3.80 11.48 -5.82
C TRP D 128 2.35 11.45 -6.31
N ALA D 129 1.41 11.60 -5.38
CA ALA D 129 0.00 11.54 -5.72
C ALA D 129 -0.50 12.77 -6.48
N GLY D 130 0.40 13.68 -6.82
CA GLY D 130 -0.02 14.83 -7.59
C GLY D 130 -0.68 16.00 -6.89
N ASP D 131 -0.65 16.02 -5.56
CA ASP D 131 -1.23 17.11 -4.77
C ASP D 131 -0.73 18.43 -5.29
N ALA D 132 -1.57 19.45 -5.19
CA ALA D 132 -1.19 20.76 -5.67
C ALA D 132 -0.28 21.44 -4.65
N GLU D 133 -0.42 21.05 -3.38
CA GLU D 133 0.36 21.65 -2.31
C GLU D 133 0.77 20.69 -1.20
N THR D 134 1.52 21.22 -0.24
CA THR D 134 1.98 20.43 0.87
C THR D 134 2.38 21.37 2.00
N GLY D 135 3.03 20.84 3.03
CA GLY D 135 3.46 21.67 4.14
C GLY D 135 3.62 20.89 5.45
N VAL D 136 3.82 21.62 6.54
CA VAL D 136 4.01 21.01 7.87
C VAL D 136 2.80 21.23 8.77
N THR D 137 2.78 20.47 9.86
CA THR D 137 1.75 20.56 10.86
C THR D 137 2.38 20.12 12.17
N ILE D 138 2.35 21.02 13.15
CA ILE D 138 2.90 20.71 14.46
C ILE D 138 1.73 20.09 15.22
N MET D 139 1.87 18.87 15.72
CA MET D 139 0.74 18.27 16.41
C MET D 139 1.08 17.67 17.76
N GLN D 140 0.10 17.68 18.66
CA GLN D 140 0.27 17.11 19.98
C GLN D 140 0.13 15.61 19.76
N MET D 141 1.24 14.89 19.86
CA MET D 141 1.20 13.46 19.64
C MET D 141 0.22 12.77 20.56
N ASP D 142 -0.59 11.87 19.99
CA ASP D 142 -1.55 11.07 20.75
C ASP D 142 -1.03 9.67 20.60
N VAL D 143 -1.90 8.69 20.78
CA VAL D 143 -1.46 7.31 20.62
C VAL D 143 -1.74 6.88 19.19
N GLY D 144 -0.91 5.98 18.69
CA GLY D 144 -1.12 5.52 17.34
C GLY D 144 -0.17 6.10 16.33
N LEU D 145 -0.72 6.65 15.25
CA LEU D 145 0.11 7.22 14.21
C LEU D 145 -0.42 8.56 13.75
N ASP D 146 0.36 9.60 14.05
CA ASP D 146 0.01 10.97 13.66
C ASP D 146 -1.49 11.20 13.81
N THR D 147 -2.02 10.76 14.95
CA THR D 147 -3.45 10.87 15.30
C THR D 147 -3.73 12.09 16.23
N GLY D 148 -2.66 12.63 16.82
CA GLY D 148 -2.79 13.76 17.73
C GLY D 148 -3.43 15.03 17.18
N ASP D 149 -3.95 15.86 18.09
CA ASP D 149 -4.60 17.12 17.71
C ASP D 149 -3.62 18.08 17.04
N MET D 150 -4.07 18.75 15.99
CA MET D 150 -3.17 19.65 15.28
C MET D 150 -3.21 21.08 15.80
N LEU D 151 -2.01 21.58 16.10
CA LEU D 151 -1.78 22.91 16.66
C LEU D 151 -1.47 24.02 15.67
N TYR D 152 -0.56 23.76 14.74
CA TYR D 152 -0.19 24.81 13.81
C TYR D 152 0.17 24.24 12.44
N LYS D 153 -0.18 24.98 11.38
CA LYS D 153 0.14 24.54 10.04
C LYS D 153 0.80 25.64 9.23
N LEU D 154 1.48 25.23 8.18
CA LEU D 154 2.15 26.10 7.23
C LEU D 154 2.19 25.31 5.93
N SER D 155 1.82 25.97 4.83
CA SER D 155 1.79 25.30 3.54
C SER D 155 2.68 25.98 2.52
N CYS D 156 2.97 25.25 1.46
CA CYS D 156 3.74 25.74 0.34
C CYS D 156 3.23 24.90 -0.83
N PRO D 157 3.08 25.51 -2.00
CA PRO D 157 2.59 24.81 -3.17
C PRO D 157 3.67 23.88 -3.71
N ILE D 158 3.27 22.86 -4.46
CA ILE D 158 4.25 21.97 -5.08
C ILE D 158 4.35 22.42 -6.53
N THR D 159 5.53 22.88 -6.94
CA THR D 159 5.73 23.32 -8.31
C THR D 159 5.61 22.07 -9.17
N ALA D 160 5.97 22.14 -10.45
CA ALA D 160 5.91 20.95 -11.32
C ALA D 160 7.35 20.46 -11.59
N GLU D 161 8.32 21.16 -11.00
CA GLU D 161 9.71 20.79 -11.15
C GLU D 161 10.26 20.35 -9.80
N ASP D 162 9.47 20.50 -8.72
CA ASP D 162 9.96 20.05 -7.42
C ASP D 162 10.12 18.53 -7.40
N THR D 163 11.16 18.10 -6.69
CA THR D 163 11.45 16.70 -6.50
C THR D 163 11.07 16.57 -5.03
N SER D 164 11.56 15.56 -4.32
CA SER D 164 11.24 15.48 -2.89
C SER D 164 12.36 16.23 -2.19
N GLY D 165 13.52 16.26 -2.83
CA GLY D 165 14.63 16.96 -2.25
C GLY D 165 14.35 18.43 -2.08
N THR D 166 13.67 19.05 -3.05
CA THR D 166 13.38 20.48 -2.94
C THR D 166 12.23 20.71 -1.98
N LEU D 167 11.20 19.88 -2.09
CA LEU D 167 10.08 20.03 -1.18
C LEU D 167 10.58 19.94 0.24
N TYR D 168 11.49 19.02 0.51
CA TYR D 168 12.03 18.87 1.85
C TYR D 168 12.64 20.21 2.22
N ASP D 169 13.51 20.72 1.36
CA ASP D 169 14.13 21.98 1.62
C ASP D 169 13.10 23.04 1.93
N LYS D 170 12.05 23.12 1.10
CA LYS D 170 11.04 24.12 1.34
C LYS D 170 10.46 23.99 2.75
N LEU D 171 10.12 22.77 3.15
CA LEU D 171 9.54 22.54 4.48
C LEU D 171 10.56 22.71 5.61
N ALA D 172 11.84 22.76 5.25
CA ALA D 172 12.89 22.93 6.23
C ALA D 172 13.00 24.41 6.64
N GLU D 173 12.13 25.22 6.07
CA GLU D 173 12.08 26.63 6.41
C GLU D 173 10.81 26.83 7.23
N LEU D 174 9.68 26.40 6.69
CA LEU D 174 8.43 26.53 7.39
C LEU D 174 8.50 25.76 8.71
N GLY D 175 8.90 24.50 8.60
CA GLY D 175 9.02 23.60 9.75
C GLY D 175 9.42 24.27 11.05
N PRO D 176 10.72 24.50 11.25
CA PRO D 176 11.13 25.13 12.49
C PRO D 176 10.33 26.38 12.81
N GLN D 177 10.13 27.23 11.82
CA GLN D 177 9.35 28.44 12.04
C GLN D 177 8.03 28.12 12.70
N GLY D 178 7.37 27.07 12.21
CA GLY D 178 6.10 26.67 12.78
C GLY D 178 6.34 26.12 14.17
N LEU D 179 7.41 25.36 14.30
CA LEU D 179 7.79 24.75 15.57
C LEU D 179 7.94 25.80 16.66
N ILE D 180 8.88 26.73 16.46
CA ILE D 180 9.16 27.80 17.40
C ILE D 180 7.86 28.48 17.79
N THR D 181 7.19 29.04 16.79
CA THR D 181 5.91 29.72 17.00
C THR D 181 4.99 28.90 17.89
N THR D 182 4.90 27.59 17.66
CA THR D 182 4.02 26.73 18.45
C THR D 182 4.49 26.59 19.88
N LEU D 183 5.79 26.33 20.05
CA LEU D 183 6.35 26.20 21.40
C LEU D 183 6.02 27.39 22.28
N LYS D 184 6.12 28.60 21.74
CA LYS D 184 5.78 29.75 22.57
C LYS D 184 4.31 29.68 22.99
N GLN D 185 3.41 29.36 22.07
CA GLN D 185 1.98 29.26 22.39
C GLN D 185 1.83 28.30 23.55
N LEU D 186 2.46 27.14 23.43
CA LEU D 186 2.41 26.13 24.48
C LEU D 186 2.94 26.67 25.79
N ALA D 187 4.00 27.48 25.72
CA ALA D 187 4.58 28.06 26.92
C ALA D 187 3.60 29.09 27.50
N ASP D 188 3.00 29.90 26.63
CA ASP D 188 2.06 30.92 27.06
C ASP D 188 0.64 30.37 27.28
N GLY D 189 0.45 29.07 27.02
CA GLY D 189 -0.84 28.46 27.20
C GLY D 189 -1.87 28.82 26.16
N THR D 190 -1.51 29.70 25.22
CA THR D 190 -2.41 30.15 24.16
C THR D 190 -2.57 29.15 22.99
N ALA D 191 -2.10 27.92 23.19
CA ALA D 191 -2.20 26.90 22.15
C ALA D 191 -3.67 26.61 21.95
N LYS D 192 -4.11 26.56 20.69
CA LYS D 192 -5.51 26.30 20.35
C LYS D 192 -5.61 25.06 19.46
N PRO D 193 -5.64 23.86 20.08
CA PRO D 193 -5.71 22.57 19.38
C PRO D 193 -6.94 22.33 18.53
N GLU D 194 -6.76 21.53 17.47
CA GLU D 194 -7.82 21.13 16.54
C GLU D 194 -7.87 19.62 16.55
N VAL D 195 -9.01 19.06 16.17
CA VAL D 195 -9.16 17.61 16.14
C VAL D 195 -9.14 17.17 14.65
N GLN D 196 -8.69 15.96 14.39
CA GLN D 196 -8.64 15.49 13.01
C GLN D 196 -9.94 14.95 12.46
N ASP D 197 -10.36 15.48 11.31
CA ASP D 197 -11.59 15.06 10.62
C ASP D 197 -11.32 13.71 9.93
N GLU D 198 -11.67 12.62 10.61
CA GLU D 198 -11.43 11.26 10.09
C GLU D 198 -11.78 10.94 8.63
N THR D 199 -12.62 11.78 8.02
CA THR D 199 -13.02 11.55 6.63
C THR D 199 -11.92 12.04 5.67
N LEU D 200 -11.16 13.05 6.09
CA LEU D 200 -10.09 13.61 5.27
C LEU D 200 -8.77 12.87 5.51
N VAL D 201 -8.86 11.67 6.06
CA VAL D 201 -7.68 10.86 6.36
C VAL D 201 -7.09 10.00 5.27
N THR D 202 -5.88 10.35 4.83
CA THR D 202 -5.16 9.56 3.81
C THR D 202 -3.88 9.20 4.54
N TYR D 203 -3.66 7.90 4.66
CA TYR D 203 -2.56 7.31 5.40
C TYR D 203 -1.32 6.94 4.51
N ALA D 204 -0.55 7.96 4.13
CA ALA D 204 0.66 7.87 3.26
C ALA D 204 1.69 6.75 3.52
N GLU D 205 1.96 5.94 2.49
CA GLU D 205 2.90 4.81 2.56
C GLU D 205 4.39 5.12 2.40
N LYS D 206 5.24 4.20 2.84
CA LYS D 206 6.69 4.36 2.79
C LYS D 206 7.39 3.83 1.54
N LEU D 207 7.97 4.75 0.78
CA LEU D 207 8.67 4.42 -0.45
C LEU D 207 9.55 3.17 -0.34
N SER D 208 9.64 2.45 -1.44
CA SER D 208 10.45 1.24 -1.52
C SER D 208 11.11 1.23 -2.90
N LYS D 209 12.19 0.46 -3.04
CA LYS D 209 12.87 0.36 -4.31
C LYS D 209 12.04 -0.53 -5.24
N GLU D 210 11.07 -1.21 -4.63
CA GLU D 210 10.15 -2.10 -5.31
C GLU D 210 9.22 -1.26 -6.17
N GLU D 211 8.74 -0.18 -5.57
CA GLU D 211 7.82 0.77 -6.17
C GLU D 211 8.63 1.68 -7.07
N ALA D 212 9.92 1.74 -6.79
CA ALA D 212 10.84 2.57 -7.53
C ALA D 212 10.78 2.20 -9.01
N ARG D 213 11.16 0.96 -9.30
CA ARG D 213 11.17 0.42 -10.66
C ARG D 213 10.01 0.98 -11.47
N ILE D 214 10.32 1.37 -12.70
CA ILE D 214 9.32 1.94 -13.55
C ILE D 214 8.46 0.84 -14.16
N ASP D 215 7.22 0.77 -13.71
CA ASP D 215 6.31 -0.22 -14.26
C ASP D 215 5.56 0.54 -15.33
N TRP D 216 5.64 0.04 -16.56
CA TRP D 216 5.02 0.71 -17.68
C TRP D 216 3.51 0.66 -17.65
N SER D 217 2.97 -0.34 -16.97
CA SER D 217 1.53 -0.51 -16.84
C SER D 217 0.92 0.81 -16.33
N LEU D 218 1.77 1.62 -15.71
CA LEU D 218 1.38 2.90 -15.13
C LEU D 218 1.34 3.97 -16.20
N SER D 219 0.48 4.98 -16.01
CA SER D 219 0.37 6.04 -16.98
C SER D 219 1.64 6.87 -16.98
N ALA D 220 1.78 7.72 -17.99
CA ALA D 220 2.96 8.56 -18.10
C ALA D 220 3.06 9.52 -16.93
N ALA D 221 1.99 10.27 -16.69
CA ALA D 221 1.90 11.25 -15.60
C ALA D 221 2.29 10.69 -14.23
N GLN D 222 1.69 9.56 -13.87
CA GLN D 222 2.01 8.94 -12.59
C GLN D 222 3.50 8.66 -12.49
N LEU D 223 4.11 8.26 -13.61
CA LEU D 223 5.53 7.96 -13.67
C LEU D 223 6.35 9.25 -13.59
N GLU D 224 5.89 10.28 -14.29
CA GLU D 224 6.59 11.56 -14.30
C GLU D 224 6.72 11.99 -12.82
N ARG D 225 5.65 11.80 -12.05
CA ARG D 225 5.67 12.14 -10.63
C ARG D 225 6.65 11.22 -9.90
N CYS D 226 6.54 9.92 -10.13
CA CYS D 226 7.45 8.99 -9.46
C CYS D 226 8.88 9.46 -9.63
N ILE D 227 9.26 9.64 -10.90
CA ILE D 227 10.61 10.07 -11.23
C ILE D 227 11.04 11.28 -10.42
N ARG D 228 10.06 11.99 -9.86
CA ARG D 228 10.38 13.15 -9.06
C ARG D 228 10.18 12.85 -7.59
N ALA D 229 9.05 12.24 -7.25
CA ALA D 229 8.80 11.94 -5.85
C ALA D 229 9.82 10.95 -5.31
N PHE D 230 10.40 10.15 -6.20
CA PHE D 230 11.38 9.15 -5.75
C PHE D 230 12.80 9.66 -5.78
N ASN D 231 12.92 10.96 -5.96
CA ASN D 231 14.22 11.63 -5.98
C ASN D 231 14.33 12.40 -4.65
N PRO D 232 15.48 12.31 -3.94
CA PRO D 232 16.74 11.58 -4.18
C PRO D 232 16.77 10.10 -3.89
N TRP D 233 15.69 9.56 -3.31
CA TRP D 233 15.69 8.13 -3.02
C TRP D 233 14.31 7.50 -3.14
N PRO D 234 14.23 6.28 -3.69
CA PRO D 234 15.36 5.50 -4.20
C PRO D 234 15.81 5.88 -5.61
N MET D 235 14.99 6.69 -6.31
CA MET D 235 15.27 7.14 -7.70
C MET D 235 14.68 6.19 -8.73
N SER D 236 13.61 6.59 -9.40
CA SER D 236 13.01 5.72 -10.42
C SER D 236 14.11 5.16 -11.33
N TRP D 237 14.10 3.84 -11.47
CA TRP D 237 15.11 3.20 -12.28
C TRP D 237 14.48 2.17 -13.17
N LEU D 238 15.14 1.89 -14.28
CA LEU D 238 14.68 0.86 -15.20
C LEU D 238 15.90 -0.06 -15.37
N GLU D 239 15.63 -1.29 -15.82
CA GLU D 239 16.67 -2.29 -16.02
C GLU D 239 17.03 -2.47 -17.49
N ILE D 240 18.31 -2.36 -17.79
CA ILE D 240 18.84 -2.52 -19.15
C ILE D 240 20.01 -3.48 -19.13
N GLU D 241 19.75 -4.71 -19.54
CA GLU D 241 20.74 -5.78 -19.56
C GLU D 241 20.99 -6.18 -18.10
N GLY D 242 19.90 -6.32 -17.35
CA GLY D 242 19.98 -6.71 -15.94
C GLY D 242 20.57 -5.63 -15.07
N GLN D 243 20.96 -4.53 -15.72
CA GLN D 243 21.58 -3.38 -15.05
C GLN D 243 20.55 -2.29 -14.65
N PRO D 244 20.75 -1.66 -13.49
CA PRO D 244 19.81 -0.63 -13.08
C PRO D 244 20.20 0.67 -13.77
N VAL D 245 19.23 1.40 -14.31
CA VAL D 245 19.54 2.68 -14.91
C VAL D 245 18.62 3.66 -14.26
N LYS D 246 19.19 4.62 -13.54
CA LYS D 246 18.39 5.58 -12.82
C LYS D 246 17.86 6.69 -13.71
N VAL D 247 16.55 6.90 -13.64
CA VAL D 247 15.92 7.95 -14.40
C VAL D 247 15.76 9.20 -13.57
N TRP D 248 16.53 10.23 -13.92
CA TRP D 248 16.44 11.47 -13.20
C TRP D 248 15.34 12.42 -13.68
N LYS D 249 15.28 12.70 -14.98
CA LYS D 249 14.27 13.62 -15.49
C LYS D 249 13.48 13.04 -16.65
N ALA D 250 12.18 13.29 -16.65
CA ALA D 250 11.35 12.76 -17.73
C ALA D 250 10.12 13.61 -17.96
N SER D 251 10.04 14.25 -19.12
CA SER D 251 8.88 15.07 -19.42
C SER D 251 7.78 14.16 -19.97
N VAL D 252 6.54 14.63 -19.96
CA VAL D 252 5.46 13.81 -20.49
C VAL D 252 4.89 14.23 -21.86
N ILE D 253 4.89 13.29 -22.79
CA ILE D 253 4.34 13.53 -24.11
C ILE D 253 2.93 12.92 -24.06
N ASP D 254 1.95 13.79 -24.22
CA ASP D 254 0.54 13.40 -24.15
C ASP D 254 -0.22 13.27 -25.47
N THR D 255 0.05 12.18 -26.18
CA THR D 255 -0.59 11.85 -27.46
C THR D 255 -0.57 10.33 -27.56
N ALA D 256 -1.38 9.68 -26.72
CA ALA D 256 -1.48 8.22 -26.63
C ALA D 256 -1.07 7.37 -27.84
N THR D 257 -0.55 6.18 -27.53
CA THR D 257 -0.12 5.20 -28.54
C THR D 257 -0.63 3.81 -28.14
N ASN D 258 -0.96 2.99 -29.12
CA ASN D 258 -1.47 1.65 -28.88
C ASN D 258 -0.35 0.62 -28.73
N ALA D 259 0.87 1.11 -28.52
CA ALA D 259 2.03 0.25 -28.35
C ALA D 259 2.01 -0.44 -26.99
N ALA D 260 2.67 -1.60 -26.89
CA ALA D 260 2.72 -2.31 -25.62
C ALA D 260 3.69 -1.55 -24.71
N PRO D 261 3.39 -1.47 -23.40
CA PRO D 261 4.19 -0.80 -22.39
C PRO D 261 5.64 -1.30 -22.24
N GLY D 262 6.58 -0.41 -22.51
CA GLY D 262 7.99 -0.76 -22.42
C GLY D 262 8.67 -0.46 -23.74
N THR D 263 7.85 -0.45 -24.79
CA THR D 263 8.31 -0.22 -26.15
C THR D 263 8.70 1.22 -26.45
N ILE D 264 9.89 1.33 -27.02
CA ILE D 264 10.49 2.59 -27.38
C ILE D 264 9.88 3.10 -28.69
N LEU D 265 9.52 4.37 -28.74
CA LEU D 265 8.93 4.91 -29.95
C LEU D 265 9.93 5.77 -30.71
N GLU D 266 10.66 6.62 -29.98
CA GLU D 266 11.67 7.48 -30.57
C GLU D 266 12.92 7.41 -29.69
N ALA D 267 14.03 7.95 -30.18
CA ALA D 267 15.29 7.95 -29.45
C ALA D 267 16.14 9.05 -30.05
N ASN D 268 15.80 10.29 -29.69
CA ASN D 268 16.47 11.49 -30.18
C ASN D 268 17.04 12.35 -29.06
N LYS D 269 17.76 13.39 -29.46
CA LYS D 269 18.34 14.35 -28.53
C LYS D 269 17.18 14.89 -27.70
N GLN D 270 16.02 14.97 -28.35
CA GLN D 270 14.78 15.46 -27.74
C GLN D 270 14.31 14.58 -26.61
N GLY D 271 14.63 13.29 -26.70
CA GLY D 271 14.24 12.40 -25.63
C GLY D 271 13.75 11.04 -26.08
N ILE D 272 14.17 10.02 -25.32
CA ILE D 272 13.80 8.64 -25.57
C ILE D 272 12.35 8.40 -25.15
N GLN D 273 11.42 8.56 -26.09
CA GLN D 273 10.01 8.35 -25.79
C GLN D 273 9.74 6.86 -25.60
N VAL D 274 8.90 6.55 -24.63
CA VAL D 274 8.55 5.17 -24.36
C VAL D 274 7.06 5.12 -24.08
N ALA D 275 6.42 4.03 -24.49
CA ALA D 275 5.00 3.86 -24.30
C ALA D 275 4.73 3.22 -22.92
N THR D 276 3.73 3.75 -22.22
CA THR D 276 3.35 3.27 -20.89
C THR D 276 1.92 2.72 -20.89
N GLY D 277 1.34 2.50 -19.71
CA GLY D 277 -0.02 2.00 -19.63
C GLY D 277 -1.01 2.98 -20.25
N ASP D 278 -0.51 4.20 -20.45
CA ASP D 278 -1.26 5.29 -21.03
C ASP D 278 -0.27 6.40 -21.26
N GLY D 279 -0.45 7.15 -22.35
CA GLY D 279 0.47 8.23 -22.65
C GLY D 279 1.90 7.72 -22.83
N ILE D 280 2.73 8.58 -23.41
CA ILE D 280 4.12 8.24 -23.64
C ILE D 280 4.97 9.03 -22.68
N LEU D 281 5.93 8.37 -22.04
CA LEU D 281 6.84 9.05 -21.13
C LEU D 281 8.05 9.38 -21.98
N ASN D 282 8.70 10.51 -21.72
CA ASN D 282 9.85 10.92 -22.52
C ASN D 282 11.14 11.14 -21.76
N LEU D 283 11.86 10.06 -21.46
CA LEU D 283 13.12 10.13 -20.72
C LEU D 283 14.11 11.20 -21.24
N LEU D 284 14.52 12.11 -20.36
CA LEU D 284 15.44 13.17 -20.75
C LEU D 284 16.81 13.06 -20.06
N SER D 285 16.83 12.51 -18.85
CA SER D 285 18.07 12.35 -18.11
C SER D 285 18.13 10.98 -17.44
N LEU D 286 19.21 10.25 -17.74
CA LEU D 286 19.37 8.90 -17.19
C LEU D 286 20.76 8.70 -16.63
N GLN D 287 20.86 7.83 -15.64
CA GLN D 287 22.13 7.56 -15.01
C GLN D 287 22.44 6.07 -15.06
N PRO D 288 23.30 5.66 -16.00
CA PRO D 288 23.72 4.28 -16.20
C PRO D 288 24.54 3.83 -15.01
N ALA D 289 24.24 2.64 -14.48
CA ALA D 289 25.01 2.12 -13.34
C ALA D 289 26.50 2.43 -13.50
N GLY D 290 27.11 3.01 -12.46
CA GLY D 290 28.53 3.34 -12.50
C GLY D 290 28.89 4.70 -13.09
N LYS D 291 27.94 5.33 -13.74
CA LYS D 291 28.20 6.64 -14.34
C LYS D 291 27.41 7.71 -13.62
N LYS D 292 27.57 8.94 -14.06
CA LYS D 292 26.83 10.04 -13.46
C LYS D 292 25.55 10.16 -14.27
N ALA D 293 24.71 11.14 -13.95
CA ALA D 293 23.47 11.31 -14.71
C ALA D 293 23.84 12.05 -15.99
N MET D 294 23.08 11.81 -17.05
CA MET D 294 23.36 12.47 -18.30
C MET D 294 22.09 12.60 -19.11
N SER D 295 22.19 13.37 -20.19
CA SER D 295 21.07 13.62 -21.10
C SER D 295 20.89 12.44 -22.04
N ALA D 296 19.65 12.25 -22.50
CA ALA D 296 19.32 11.18 -23.41
C ALA D 296 20.31 11.24 -24.56
N GLN D 297 20.66 12.46 -24.96
CA GLN D 297 21.58 12.61 -26.07
C GLN D 297 22.89 11.94 -25.71
N ASP D 298 23.58 12.47 -24.71
CA ASP D 298 24.86 11.91 -24.29
C ASP D 298 24.88 10.40 -24.16
N LEU D 299 23.76 9.84 -23.72
CA LEU D 299 23.65 8.41 -23.50
C LEU D 299 23.59 7.68 -24.84
N LEU D 300 22.69 8.14 -25.70
CA LEU D 300 22.50 7.55 -27.01
C LEU D 300 23.77 7.56 -27.85
N ASN D 301 24.69 8.49 -27.54
CA ASN D 301 25.93 8.57 -28.28
C ASN D 301 26.91 7.44 -27.96
N SER D 302 26.45 6.41 -27.26
CA SER D 302 27.31 5.28 -26.93
C SER D 302 26.48 4.05 -26.53
N ARG D 303 25.18 4.25 -26.37
CA ARG D 303 24.35 3.11 -26.00
C ARG D 303 23.10 3.23 -26.81
N ARG D 304 23.28 3.57 -28.08
CA ARG D 304 22.17 3.72 -29.01
C ARG D 304 21.39 2.41 -29.08
N GLU D 305 22.12 1.29 -28.96
CA GLU D 305 21.54 -0.04 -28.97
C GLU D 305 20.64 -0.28 -27.74
N TRP D 306 20.83 0.49 -26.69
CA TRP D 306 20.03 0.35 -25.49
C TRP D 306 18.61 0.81 -25.72
N PHE D 307 18.42 1.74 -26.66
CA PHE D 307 17.07 2.23 -26.89
C PHE D 307 16.66 2.33 -28.37
N VAL D 308 16.71 1.19 -29.06
CA VAL D 308 16.34 1.17 -30.47
C VAL D 308 14.82 1.04 -30.56
N PRO D 309 14.18 1.93 -31.35
CA PRO D 309 12.72 1.93 -31.54
C PRO D 309 12.19 0.55 -31.94
N GLY D 310 10.99 0.22 -31.49
CA GLY D 310 10.44 -1.08 -31.83
C GLY D 310 10.76 -2.09 -30.74
N ASN D 311 11.92 -1.95 -30.12
CA ASN D 311 12.31 -2.84 -29.03
C ASN D 311 11.47 -2.47 -27.81
N ARG D 312 11.52 -3.31 -26.78
CA ARG D 312 10.74 -3.01 -25.60
C ARG D 312 11.55 -3.12 -24.32
N LEU D 313 11.14 -2.32 -23.33
CA LEU D 313 11.79 -2.27 -22.03
C LEU D 313 10.92 -2.97 -20.99
N VAL D 314 11.58 -3.72 -20.12
CA VAL D 314 10.91 -4.46 -19.05
C VAL D 314 10.33 -3.47 -18.02
#